data_4LVY
#
_entry.id   4LVY
#
_cell.length_a   27.370
_cell.length_b   68.440
_cell.length_c   155.830
_cell.angle_alpha   90.00
_cell.angle_beta   90.00
_cell.angle_gamma   90.00
#
_symmetry.space_group_name_H-M   'P 21 21 21'
#
loop_
_entity.id
_entity.type
_entity.pdbx_description
1 polymer 'THF riboswitch'
2 non-polymer '2-{4-[2-(2-AMINO-4-OXO-4,7-DIHYDRO-3H-PYRROLO[2,3-D]PYRIMIDIN-5-YL)-ETHYL]-BENZOYLAMINO}-PENTANEDIOIC ACID'
3 water water
#
_entity_poly.entity_id   1
_entity_poly.type   'polyribonucleotide'
_entity_poly.pdbx_seq_one_letter_code
;GGAGAGUAGAUGAUUCGCGUUAAGUGUGUGUGAAUGGGAUGUCGUCACACAACGAAGCGAGAGCGCGGUGAAUCAUUGCA
UCCGCUCCA
;
_entity_poly.pdbx_strand_id   A
#